data_2JJP
#
_entry.id   2JJP
#
_cell.length_a   53.243
_cell.length_b   68.038
_cell.length_c   57.687
_cell.angle_alpha   90.00
_cell.angle_beta   100.71
_cell.angle_gamma   90.00
#
_symmetry.space_group_name_H-M   'P 1 21 1'
#
loop_
_entity.id
_entity.type
_entity.pdbx_description
1 polymer 'CYTOCHROME P450 113A1'
2 non-polymer 'PROTOPORPHYRIN IX CONTAINING FE'
3 non-polymer 1-ACETYL-4-(4-{[(2S,4R)-2-(2,4-DICHLOROPHENYL)-2-(1H-IMIDAZOL-1-YLMETHYL)-1,3-DIOXOLAN-4-YL]METHOXY}PHENYL)PIPERAZINE
4 non-polymer 'SULFATE ION'
5 water water
#
_entity_poly.entity_id   1
_entity_poly.type   'polypeptide(L)'
_entity_poly.pdbx_seq_one_letter_code
;MFADVETTCCARRTLTTIDEVPGMADETALLDWLGTMREKQPVWQDRYGVWHVFRHADVQTVLRDTATFSSDPTRVIEGA
SPTPGMIHEIDPPEHRALRKVVSSAFTPRTISDLEPRIRDVTRSLLADAGESFDLVDVLAFPLPVTIVAELLGLPPMDHE
QFGDWSGALVDIQMDDPTDPALAERIADVLNPLTAYLKARCAERRADPGDDLISRLVLAEVDGRALDDEEAANFSTALLL
AGHITTTVLLGNIVRTLDEHPAHWDAAAEDPGRIPAIVEEVLRYRPPFPQMQRTTTKATEVAGVPIPADVMVNTWVLSAN
RDSDAHDDPDRFDPSRKSGGAAQLSFGHGVHFCLGAPLARLENRVALEEIIARFGRLTVDRDDERLRHFEQIVLGTRHLP
VLAGSSPRQSA
;
_entity_poly.pdbx_strand_id   A
#
# COMPACT_ATOMS: atom_id res chain seq x y z
N LEU A 15 10.70 5.72 -30.01
CA LEU A 15 9.21 5.82 -29.80
C LEU A 15 8.39 5.21 -30.94
N THR A 16 7.64 4.15 -30.62
CA THR A 16 6.77 3.49 -31.60
C THR A 16 5.39 3.17 -31.02
N THR A 17 4.38 3.11 -31.88
CA THR A 17 2.99 2.93 -31.42
C THR A 17 2.63 1.43 -31.31
N ILE A 18 3.50 0.71 -30.61
CA ILE A 18 3.30 -0.69 -30.24
C ILE A 18 3.58 -0.91 -28.74
N ASP A 19 2.51 -0.85 -27.96
CA ASP A 19 2.52 -1.03 -26.51
C ASP A 19 3.34 -2.21 -26.04
N GLU A 20 4.27 -1.94 -25.15
CA GLU A 20 4.78 -2.99 -24.29
C GLU A 20 4.35 -2.72 -22.83
N VAL A 21 5.15 -1.94 -22.10
CA VAL A 21 5.10 -1.84 -20.63
C VAL A 21 5.76 -3.12 -20.11
N PRO A 22 7.07 -3.05 -19.81
CA PRO A 22 7.54 -4.24 -19.13
C PRO A 22 6.64 -4.38 -17.91
N GLY A 23 6.10 -5.58 -17.70
CA GLY A 23 5.33 -5.86 -16.50
C GLY A 23 6.22 -5.73 -15.27
N MET A 24 5.57 -5.53 -14.13
CA MET A 24 6.19 -5.34 -12.81
C MET A 24 7.25 -6.38 -12.46
N ALA A 25 7.08 -7.60 -12.96
CA ALA A 25 7.89 -8.76 -12.60
C ALA A 25 9.35 -8.59 -12.94
N ASP A 26 9.63 -7.99 -14.10
CA ASP A 26 10.99 -7.57 -14.43
C ASP A 26 11.14 -6.10 -14.09
N GLU A 27 11.68 -5.85 -12.89
CA GLU A 27 11.74 -4.50 -12.32
C GLU A 27 12.78 -3.62 -12.98
N THR A 28 13.94 -4.17 -13.30
CA THR A 28 15.04 -3.42 -13.89
C THR A 28 14.63 -2.88 -15.27
N ALA A 29 13.92 -3.70 -16.02
CA ALA A 29 13.37 -3.37 -17.33
C ALA A 29 12.22 -2.37 -17.22
N LEU A 30 11.37 -2.54 -16.21
CA LEU A 30 10.32 -1.56 -15.95
C LEU A 30 10.94 -0.21 -15.76
N LEU A 31 11.95 -0.15 -14.91
CA LEU A 31 12.61 1.06 -14.54
C LEU A 31 13.32 1.81 -15.69
N ASP A 32 13.93 1.03 -16.61
CA ASP A 32 14.63 1.54 -17.80
C ASP A 32 13.54 2.11 -18.73
N TRP A 33 12.45 1.38 -18.91
CA TRP A 33 11.33 1.93 -19.66
C TRP A 33 10.83 3.31 -19.09
N LEU A 34 10.50 3.32 -17.79
CA LEU A 34 10.04 4.54 -17.13
C LEU A 34 10.99 5.69 -17.35
N GLY A 35 12.29 5.44 -17.23
CA GLY A 35 13.30 6.47 -17.46
C GLY A 35 13.25 7.13 -18.83
N THR A 36 13.07 6.29 -19.84
CA THR A 36 12.96 6.71 -21.25
C THR A 36 11.66 7.45 -21.53
N MET A 37 10.56 6.97 -20.95
CA MET A 37 9.29 7.69 -21.03
C MET A 37 9.31 9.05 -20.36
N ARG A 38 9.87 9.14 -19.15
CA ARG A 38 10.11 10.41 -18.44
C ARG A 38 10.79 11.44 -19.39
N GLU A 39 11.73 10.94 -20.18
CA GLU A 39 12.54 11.69 -21.14
C GLU A 39 11.74 12.04 -22.40
N LYS A 40 11.15 11.02 -23.04
CA LYS A 40 10.66 11.15 -24.42
C LYS A 40 9.14 11.25 -24.58
N GLN A 41 8.40 10.65 -23.64
CA GLN A 41 6.94 10.58 -23.71
C GLN A 41 6.36 10.64 -22.28
N PRO A 42 6.52 11.80 -21.60
CA PRO A 42 6.11 11.97 -20.18
C PRO A 42 4.60 11.82 -19.95
N VAL A 43 3.80 12.01 -20.98
CA VAL A 43 2.38 11.69 -20.89
C VAL A 43 2.04 10.78 -22.09
N TRP A 44 1.60 9.58 -21.77
CA TRP A 44 1.42 8.53 -22.75
C TRP A 44 0.02 7.96 -22.73
N GLN A 45 -0.53 7.69 -23.92
CA GLN A 45 -1.77 6.99 -24.05
C GLN A 45 -1.54 5.55 -24.58
N ASP A 46 -1.91 4.55 -23.78
CA ASP A 46 -1.76 3.15 -24.14
C ASP A 46 -2.89 2.69 -25.05
N ARG A 47 -2.86 1.41 -25.44
CA ARG A 47 -3.85 0.90 -26.40
C ARG A 47 -5.28 0.76 -25.90
N TYR A 48 -5.50 0.93 -24.60
CA TYR A 48 -6.85 0.91 -24.05
C TYR A 48 -7.40 2.32 -23.84
N GLY A 49 -6.64 3.34 -24.24
CA GLY A 49 -7.10 4.73 -24.11
C GLY A 49 -6.87 5.22 -22.69
N VAL A 50 -6.05 4.46 -21.94
CA VAL A 50 -5.64 4.82 -20.59
C VAL A 50 -4.37 5.61 -20.64
N TRP A 51 -4.37 6.72 -19.92
CA TRP A 51 -3.25 7.64 -19.93
C TRP A 51 -2.30 7.46 -18.78
N HIS A 52 -1.03 7.73 -19.02
CA HIS A 52 0.03 7.53 -18.03
C HIS A 52 0.95 8.74 -17.86
N VAL A 53 1.24 9.03 -16.59
CA VAL A 53 1.96 10.20 -16.17
C VAL A 53 3.18 9.78 -15.34
N PHE A 54 4.35 10.21 -15.82
CA PHE A 54 5.64 9.65 -15.41
C PHE A 54 6.57 10.58 -14.65
N ARG A 55 6.46 11.89 -14.90
CA ARG A 55 7.29 12.86 -14.16
C ARG A 55 6.74 13.21 -12.80
N HIS A 56 7.66 13.52 -11.89
CA HIS A 56 7.35 13.88 -10.52
C HIS A 56 6.36 15.05 -10.38
N ALA A 57 6.65 16.16 -11.04
CA ALA A 57 5.80 17.34 -10.94
C ALA A 57 4.41 17.12 -11.56
N ASP A 58 4.32 16.27 -12.58
CA ASP A 58 3.08 15.96 -13.28
C ASP A 58 2.25 14.97 -12.45
N VAL A 59 2.90 13.94 -11.91
CA VAL A 59 2.26 13.04 -10.96
C VAL A 59 1.66 13.92 -9.84
N GLN A 60 2.48 14.75 -9.22
CA GLN A 60 1.92 15.69 -8.25
C GLN A 60 0.70 16.51 -8.73
N THR A 61 0.79 17.15 -9.89
CA THR A 61 -0.35 17.95 -10.41
C THR A 61 -1.62 17.14 -10.43
N VAL A 62 -1.52 15.95 -11.01
CA VAL A 62 -2.64 15.10 -11.19
C VAL A 62 -3.22 14.80 -9.82
N LEU A 63 -2.42 14.19 -8.93
CA LEU A 63 -2.93 13.76 -7.63
C LEU A 63 -3.58 14.88 -6.80
N ARG A 64 -3.06 16.10 -6.91
CA ARG A 64 -3.60 17.22 -6.18
C ARG A 64 -4.97 17.72 -6.69
N ASP A 65 -5.19 17.69 -8.01
CA ASP A 65 -6.29 18.44 -8.64
C ASP A 65 -7.53 17.57 -8.81
N THR A 66 -8.30 17.50 -7.72
CA THR A 66 -9.43 16.55 -7.59
C THR A 66 -10.64 16.95 -8.45
N ALA A 67 -10.74 18.24 -8.78
CA ALA A 67 -11.81 18.76 -9.64
C ALA A 67 -11.63 18.21 -11.03
N THR A 68 -10.38 18.21 -11.51
CA THR A 68 -10.09 17.75 -12.86
C THR A 68 -9.94 16.22 -12.84
N PHE A 69 -9.29 15.70 -11.81
CA PHE A 69 -8.89 14.31 -11.80
C PHE A 69 -9.59 13.67 -10.64
N SER A 70 -10.72 13.00 -10.94
CA SER A 70 -11.56 12.38 -9.93
C SER A 70 -11.07 10.95 -9.53
N SER A 71 -11.30 10.57 -8.26
CA SER A 71 -10.99 9.26 -7.71
C SER A 71 -12.17 8.29 -7.81
N ASP A 72 -13.29 8.76 -8.34
CA ASP A 72 -14.44 7.90 -8.55
C ASP A 72 -14.29 7.22 -9.91
N PRO A 73 -13.99 5.89 -9.93
CA PRO A 73 -13.85 5.23 -11.23
C PRO A 73 -15.22 5.18 -11.93
N THR A 74 -16.26 4.89 -11.14
CA THR A 74 -17.65 4.77 -11.61
C THR A 74 -18.27 6.08 -12.16
N ARG A 75 -17.42 7.12 -12.31
CA ARG A 75 -17.84 8.41 -12.86
C ARG A 75 -18.41 8.24 -14.28
N VAL A 76 -17.77 7.35 -15.05
CA VAL A 76 -18.12 7.13 -16.45
C VAL A 76 -19.27 6.12 -16.61
N ILE A 77 -19.18 5.00 -15.89
CA ILE A 77 -20.12 3.90 -16.09
C ILE A 77 -21.57 4.32 -15.82
N GLU A 78 -22.48 3.75 -16.62
CA GLU A 78 -23.87 4.22 -16.66
C GLU A 78 -24.61 4.07 -15.32
N GLY A 79 -24.02 3.27 -14.41
CA GLY A 79 -24.55 3.08 -13.06
C GLY A 79 -23.71 3.85 -12.03
N ALA A 80 -24.19 5.05 -11.68
CA ALA A 80 -23.51 5.92 -10.74
C ALA A 80 -23.46 5.30 -9.34
N SER A 81 -22.67 4.24 -9.22
CA SER A 81 -22.56 3.49 -7.96
C SER A 81 -21.22 3.74 -7.22
N PRO A 82 -21.08 4.94 -6.58
CA PRO A 82 -19.91 5.11 -5.70
C PRO A 82 -20.20 4.37 -4.40
N THR A 83 -19.41 3.34 -4.10
CA THR A 83 -19.61 2.54 -2.89
C THR A 83 -19.44 3.43 -1.65
N PRO A 84 -20.51 3.54 -0.82
CA PRO A 84 -20.48 4.44 0.35
C PRO A 84 -19.47 4.00 1.39
N GLY A 85 -18.68 4.95 1.84
CA GLY A 85 -17.68 4.70 2.83
C GLY A 85 -16.37 4.24 2.23
N MET A 86 -16.31 4.12 0.90
CA MET A 86 -15.03 3.84 0.20
C MET A 86 -14.35 5.15 -0.03
N ILE A 87 -13.72 5.62 1.03
CA ILE A 87 -13.19 6.97 1.09
C ILE A 87 -12.18 7.33 -0.02
N HIS A 88 -11.52 6.33 -0.59
CA HIS A 88 -10.56 6.51 -1.66
C HIS A 88 -11.21 6.58 -3.06
N GLU A 89 -12.52 6.43 -3.09
CA GLU A 89 -13.24 6.39 -4.35
C GLU A 89 -14.30 7.46 -4.36
N ILE A 90 -14.09 8.49 -3.53
CA ILE A 90 -15.08 9.54 -3.29
C ILE A 90 -14.40 10.92 -3.31
N ASP A 91 -14.96 11.86 -4.07
CA ASP A 91 -14.42 13.18 -4.18
C ASP A 91 -15.03 14.17 -3.19
N PRO A 92 -14.37 15.32 -3.03
CA PRO A 92 -15.05 16.47 -2.46
C PRO A 92 -16.47 16.73 -3.05
N PRO A 93 -17.39 17.25 -2.22
CA PRO A 93 -17.12 17.70 -0.87
C PRO A 93 -17.34 16.58 0.15
N GLU A 94 -17.96 15.49 -0.32
CA GLU A 94 -18.33 14.36 0.53
C GLU A 94 -17.10 13.68 1.14
N HIS A 95 -16.02 13.55 0.34
CA HIS A 95 -14.73 13.06 0.86
C HIS A 95 -14.30 13.79 2.13
N ARG A 96 -14.47 15.10 2.14
CA ARG A 96 -14.00 15.90 3.25
C ARG A 96 -14.71 15.53 4.55
N ALA A 97 -16.03 15.39 4.48
CA ALA A 97 -16.86 15.09 5.65
C ALA A 97 -16.63 13.64 6.10
N LEU A 98 -16.46 12.75 5.12
CA LEU A 98 -16.19 11.34 5.40
C LEU A 98 -14.84 11.22 6.09
N ARG A 99 -13.82 11.85 5.51
CA ARG A 99 -12.49 11.80 6.09
C ARG A 99 -12.49 12.30 7.52
N LYS A 100 -13.20 13.40 7.78
CA LYS A 100 -13.31 13.89 9.13
C LYS A 100 -13.92 12.86 10.08
N VAL A 101 -14.93 12.12 9.64
CA VAL A 101 -15.61 11.20 10.54
C VAL A 101 -14.63 10.07 10.91
N VAL A 102 -13.97 9.49 9.91
CA VAL A 102 -13.05 8.36 10.20
C VAL A 102 -11.78 8.80 10.94
N SER A 103 -11.17 9.88 10.52
CA SER A 103 -10.02 10.37 11.27
C SER A 103 -10.35 10.56 12.78
N SER A 104 -11.59 10.91 13.10
CA SER A 104 -11.95 11.06 14.51
C SER A 104 -12.04 9.73 15.35
N ALA A 105 -12.20 8.59 14.67
CA ALA A 105 -12.12 7.29 15.33
C ALA A 105 -10.68 6.75 15.27
N PHE A 106 -10.06 6.98 14.13
CA PHE A 106 -8.74 6.44 13.77
C PHE A 106 -7.63 7.43 14.12
N THR A 107 -7.26 7.44 15.39
CA THR A 107 -6.43 8.52 15.92
C THR A 107 -4.97 8.15 16.20
N PRO A 108 -4.07 9.14 16.25
CA PRO A 108 -2.67 8.83 16.53
C PRO A 108 -2.54 7.96 17.75
N ARG A 109 -3.10 8.43 18.86
CA ARG A 109 -3.15 7.76 20.15
C ARG A 109 -3.53 6.26 19.98
N THR A 110 -4.51 6.03 19.15
CA THR A 110 -5.08 4.70 18.91
C THR A 110 -4.07 3.79 18.22
N ILE A 111 -3.33 4.40 17.27
CA ILE A 111 -2.24 3.72 16.57
C ILE A 111 -1.03 3.48 17.48
N SER A 112 -0.56 4.53 18.16
CA SER A 112 0.63 4.49 18.98
C SER A 112 0.55 3.50 20.14
N ASP A 113 -0.62 3.40 20.77
CA ASP A 113 -0.83 2.40 21.83
C ASP A 113 -0.66 0.99 21.31
N LEU A 114 -0.62 0.81 20.00
CA LEU A 114 -0.46 -0.55 19.46
C LEU A 114 0.97 -1.08 19.58
N GLU A 115 1.92 -0.19 19.87
CA GLU A 115 3.33 -0.62 19.81
C GLU A 115 3.67 -1.91 20.59
N PRO A 116 3.28 -2.00 21.88
CA PRO A 116 3.62 -3.20 22.64
C PRO A 116 3.07 -4.50 22.03
N ARG A 117 1.81 -4.49 21.59
CA ARG A 117 1.22 -5.67 20.92
C ARG A 117 1.92 -5.98 19.61
N ILE A 118 2.23 -4.93 18.85
CA ILE A 118 3.01 -5.13 17.60
C ILE A 118 4.32 -5.88 17.91
N ARG A 119 4.99 -5.45 18.98
CA ARG A 119 6.26 -6.06 19.33
C ARG A 119 6.13 -7.50 19.86
N ASP A 120 5.10 -7.71 20.69
CA ASP A 120 4.79 -9.03 21.24
C ASP A 120 4.56 -10.06 20.14
N VAL A 121 3.57 -9.81 19.29
CA VAL A 121 3.29 -10.65 18.11
C VAL A 121 4.56 -10.89 17.26
N THR A 122 5.26 -9.82 16.90
CA THR A 122 6.45 -9.95 16.05
C THR A 122 7.50 -10.85 16.73
N ARG A 123 7.70 -10.64 18.02
CA ARG A 123 8.71 -11.40 18.73
C ARG A 123 8.39 -12.87 18.81
N SER A 124 7.14 -13.21 19.14
CA SER A 124 6.66 -14.61 19.17
C SER A 124 6.67 -15.29 17.80
N LEU A 125 6.28 -14.57 16.74
CA LEU A 125 6.27 -15.20 15.44
C LEU A 125 7.65 -15.56 15.02
N LEU A 126 8.61 -14.64 15.24
CA LEU A 126 10.02 -14.92 14.85
C LEU A 126 10.67 -15.97 15.71
N ALA A 127 10.27 -16.00 16.98
CA ALA A 127 10.87 -16.93 17.93
C ALA A 127 10.73 -18.39 17.48
N ASP A 128 9.75 -18.68 16.63
CA ASP A 128 9.43 -20.05 16.23
C ASP A 128 9.89 -20.39 14.81
N ALA A 129 10.52 -19.43 14.13
CA ALA A 129 10.71 -19.57 12.70
C ALA A 129 11.83 -20.53 12.23
N GLY A 130 12.85 -20.73 13.07
CA GLY A 130 13.98 -21.52 12.59
C GLY A 130 14.94 -20.55 11.89
N GLU A 131 15.85 -21.09 11.08
CA GLU A 131 16.86 -20.24 10.47
C GLU A 131 16.69 -20.14 8.96
N SER A 132 15.66 -20.82 8.46
CA SER A 132 15.41 -20.81 7.05
C SER A 132 13.92 -20.93 6.82
N PHE A 133 13.28 -19.83 6.42
CA PHE A 133 11.83 -19.81 6.41
C PHE A 133 11.37 -18.81 5.36
N ASP A 134 10.08 -18.80 5.05
CA ASP A 134 9.45 -17.71 4.27
C ASP A 134 9.04 -16.51 5.15
N LEU A 135 9.69 -15.35 4.93
CA LEU A 135 9.40 -14.14 5.68
C LEU A 135 7.90 -13.72 5.58
N VAL A 136 7.29 -13.97 4.44
CA VAL A 136 5.91 -13.56 4.20
C VAL A 136 4.95 -14.42 5.03
N ASP A 137 5.09 -15.75 4.92
CA ASP A 137 4.23 -16.67 5.68
C ASP A 137 4.47 -16.59 7.18
N VAL A 138 5.72 -16.39 7.57
CA VAL A 138 6.02 -16.39 9.00
C VAL A 138 5.63 -15.10 9.71
N LEU A 139 5.99 -13.97 9.09
CA LEU A 139 5.85 -12.67 9.75
C LEU A 139 5.06 -11.62 8.94
N ALA A 140 5.47 -11.37 7.68
CA ALA A 140 4.97 -10.21 6.93
C ALA A 140 3.44 -10.28 6.73
N PHE A 141 2.94 -11.48 6.56
CA PHE A 141 1.49 -11.68 6.48
C PHE A 141 0.78 -11.77 7.85
N PRO A 142 1.11 -12.76 8.72
CA PRO A 142 0.30 -12.86 9.95
C PRO A 142 0.38 -11.69 10.95
N LEU A 143 1.49 -10.95 10.94
CA LEU A 143 1.60 -9.83 11.86
C LEU A 143 0.53 -8.73 11.63
N PRO A 144 0.46 -8.10 10.43
CA PRO A 144 -0.58 -7.07 10.25
C PRO A 144 -2.01 -7.59 10.29
N VAL A 145 -2.23 -8.80 9.80
CA VAL A 145 -3.58 -9.38 9.88
C VAL A 145 -4.07 -9.42 11.31
N THR A 146 -3.23 -9.97 12.19
CA THR A 146 -3.48 -10.00 13.62
C THR A 146 -3.67 -8.59 14.22
N ILE A 147 -2.80 -7.65 13.84
CA ILE A 147 -2.86 -6.34 14.47
C ILE A 147 -4.12 -5.59 14.08
N VAL A 148 -4.44 -5.62 12.80
CA VAL A 148 -5.58 -4.88 12.26
C VAL A 148 -6.92 -5.44 12.78
N ALA A 149 -7.02 -6.76 12.88
CA ALA A 149 -8.20 -7.40 13.42
C ALA A 149 -8.42 -6.97 14.87
N GLU A 150 -7.35 -6.98 15.66
CA GLU A 150 -7.42 -6.59 17.06
C GLU A 150 -7.71 -5.13 17.24
N LEU A 151 -7.18 -4.33 16.35
CA LEU A 151 -7.51 -2.93 16.35
C LEU A 151 -9.01 -2.75 16.04
N LEU A 152 -9.48 -3.42 15.00
CA LEU A 152 -10.88 -3.33 14.61
C LEU A 152 -11.80 -3.98 15.63
N GLY A 153 -11.25 -4.84 16.49
CA GLY A 153 -12.07 -5.53 17.49
C GLY A 153 -12.70 -6.82 16.96
N LEU A 154 -12.08 -7.43 15.96
CA LEU A 154 -12.53 -8.71 15.42
C LEU A 154 -11.80 -9.86 16.08
N PRO A 155 -12.42 -11.05 16.11
CA PRO A 155 -11.78 -12.30 16.51
C PRO A 155 -10.67 -12.74 15.55
N PRO A 156 -9.76 -13.64 15.99
CA PRO A 156 -8.78 -14.20 15.04
C PRO A 156 -9.45 -15.00 13.90
N MET A 157 -8.88 -14.91 12.71
CA MET A 157 -9.47 -15.57 11.54
C MET A 157 -8.83 -16.93 11.25
N ASP A 158 -9.57 -17.76 10.50
CA ASP A 158 -9.12 -19.09 10.10
C ASP A 158 -8.30 -19.01 8.81
N HIS A 159 -8.59 -17.99 8.01
CA HIS A 159 -7.96 -17.77 6.70
C HIS A 159 -6.47 -17.34 6.81
N GLU A 160 -5.62 -17.94 5.98
CA GLU A 160 -4.19 -17.65 5.92
C GLU A 160 -3.48 -18.48 4.83
N GLN A 161 -3.26 -17.86 3.67
CA GLN A 161 -2.52 -18.48 2.57
C GLN A 161 -1.70 -17.39 1.88
N PHE A 162 -1.33 -16.38 2.68
CA PHE A 162 -1.01 -15.02 2.21
C PHE A 162 -2.20 -14.40 1.47
N GLY A 163 -3.22 -14.12 2.27
CA GLY A 163 -4.45 -13.47 1.83
C GLY A 163 -5.10 -14.21 0.70
N ASP A 164 -5.66 -15.37 1.01
CA ASP A 164 -6.42 -16.13 0.02
C ASP A 164 -7.37 -15.20 -0.75
N TRP A 165 -8.10 -14.34 -0.04
CA TRP A 165 -9.02 -13.42 -0.71
C TRP A 165 -8.29 -12.15 -1.18
N SER A 166 -7.28 -11.71 -0.43
CA SER A 166 -6.50 -10.53 -0.82
C SER A 166 -5.58 -10.85 -2.00
N GLY A 167 -5.15 -12.11 -2.09
CA GLY A 167 -4.42 -12.61 -3.25
C GLY A 167 -5.30 -12.69 -4.49
N ALA A 168 -6.51 -13.23 -4.33
CA ALA A 168 -7.51 -13.23 -5.40
C ALA A 168 -7.79 -11.81 -5.90
N LEU A 169 -7.82 -10.87 -4.97
CA LEU A 169 -8.07 -9.46 -5.28
C LEU A 169 -6.98 -8.90 -6.18
N VAL A 170 -5.71 -9.09 -5.80
CA VAL A 170 -4.53 -8.57 -6.51
C VAL A 170 -4.22 -9.41 -7.75
N ASP A 171 -4.76 -10.62 -7.77
CA ASP A 171 -4.59 -11.53 -8.89
C ASP A 171 -5.78 -11.50 -9.84
N ILE A 172 -6.57 -10.42 -9.75
CA ILE A 172 -7.82 -10.33 -10.51
C ILE A 172 -7.58 -10.49 -12.00
N GLN A 173 -8.50 -11.20 -12.64
CA GLN A 173 -8.48 -11.38 -14.10
C GLN A 173 -8.65 -10.01 -14.74
N MET A 174 -7.52 -9.40 -15.09
CA MET A 174 -7.50 -8.01 -15.52
C MET A 174 -6.38 -7.69 -16.51
N ASP A 175 -6.72 -6.93 -17.55
CA ASP A 175 -5.72 -6.22 -18.39
C ASP A 175 -6.19 -4.83 -18.88
N ASP A 176 -7.42 -4.78 -19.37
CA ASP A 176 -8.05 -3.56 -19.85
C ASP A 176 -8.88 -2.91 -18.71
N PRO A 177 -8.38 -1.82 -18.10
CA PRO A 177 -9.12 -1.26 -16.96
C PRO A 177 -10.47 -0.62 -17.32
N THR A 178 -10.71 -0.44 -18.61
CA THR A 178 -11.97 0.13 -19.09
C THR A 178 -13.11 -0.91 -19.08
N ASP A 179 -12.72 -2.17 -18.86
CA ASP A 179 -13.61 -3.33 -18.87
C ASP A 179 -14.58 -3.31 -17.70
N PRO A 180 -15.89 -3.17 -17.99
CA PRO A 180 -16.98 -3.18 -17.00
C PRO A 180 -17.09 -4.44 -16.13
N ALA A 181 -16.79 -5.62 -16.69
CA ALA A 181 -16.72 -6.85 -15.88
C ALA A 181 -15.90 -6.66 -14.59
N LEU A 182 -14.67 -6.16 -14.71
CA LEU A 182 -13.77 -5.89 -13.58
C LEU A 182 -14.44 -5.38 -12.30
N ALA A 183 -15.33 -4.41 -12.43
CA ALA A 183 -16.10 -3.98 -11.26
C ALA A 183 -16.73 -5.20 -10.55
N GLU A 184 -17.32 -6.10 -11.33
CA GLU A 184 -18.04 -7.24 -10.79
C GLU A 184 -17.10 -8.26 -10.18
N ARG A 185 -15.96 -8.50 -10.82
CA ARG A 185 -14.96 -9.42 -10.28
C ARG A 185 -14.42 -9.01 -8.90
N ILE A 186 -14.16 -7.69 -8.74
CA ILE A 186 -13.89 -7.07 -7.45
C ILE A 186 -15.01 -7.23 -6.43
N ALA A 187 -16.23 -6.85 -6.80
CA ALA A 187 -17.36 -6.99 -5.90
C ALA A 187 -17.54 -8.47 -5.50
N ASP A 188 -17.33 -9.39 -6.43
CA ASP A 188 -17.39 -10.81 -6.12
C ASP A 188 -16.54 -11.26 -4.94
N VAL A 189 -15.29 -10.78 -4.87
CA VAL A 189 -14.37 -11.04 -3.77
C VAL A 189 -14.74 -10.32 -2.42
N LEU A 190 -15.07 -9.03 -2.51
CA LEU A 190 -15.24 -8.20 -1.32
C LEU A 190 -16.56 -8.33 -0.60
N ASN A 191 -17.61 -8.67 -1.33
CA ASN A 191 -18.98 -8.77 -0.82
C ASN A 191 -19.19 -9.71 0.39
N PRO A 192 -18.61 -10.92 0.36
CA PRO A 192 -18.67 -11.75 1.55
C PRO A 192 -17.98 -11.17 2.79
N LEU A 193 -16.87 -10.51 2.55
CA LEU A 193 -16.11 -9.89 3.60
C LEU A 193 -16.83 -8.64 4.16
N THR A 194 -17.31 -7.78 3.26
CA THR A 194 -18.10 -6.65 3.71
C THR A 194 -19.33 -7.08 4.49
N ALA A 195 -19.94 -8.23 4.15
CA ALA A 195 -21.18 -8.65 4.85
C ALA A 195 -20.87 -9.13 6.27
N TYR A 196 -19.84 -9.96 6.37
CA TYR A 196 -19.31 -10.37 7.66
C TYR A 196 -18.98 -9.14 8.54
N LEU A 197 -18.50 -8.06 7.94
CA LEU A 197 -18.10 -6.90 8.79
C LEU A 197 -19.32 -6.06 9.20
N LYS A 198 -20.30 -6.04 8.29
CA LYS A 198 -21.54 -5.39 8.53
C LYS A 198 -22.21 -6.04 9.75
N ALA A 199 -22.11 -7.36 9.89
CA ALA A 199 -22.64 -8.03 11.08
C ALA A 199 -21.82 -7.66 12.34
N ARG A 200 -20.52 -7.57 12.20
CA ARG A 200 -19.74 -7.17 13.34
C ARG A 200 -20.08 -5.75 13.75
N CYS A 201 -20.18 -4.82 12.80
CA CYS A 201 -20.60 -3.44 13.16
C CYS A 201 -21.95 -3.35 13.89
N ALA A 202 -22.92 -4.17 13.47
CA ALA A 202 -24.22 -4.15 14.11
C ALA A 202 -24.13 -4.68 15.55
N GLU A 203 -23.25 -5.65 15.81
CA GLU A 203 -23.02 -6.16 17.15
C GLU A 203 -22.35 -5.06 18.04
N ARG A 204 -21.42 -4.30 17.46
CA ARG A 204 -20.82 -3.17 18.21
C ARG A 204 -21.80 -2.03 18.42
N ARG A 205 -22.68 -1.74 17.45
CA ARG A 205 -23.74 -0.72 17.66
C ARG A 205 -24.64 -1.02 18.87
N ALA A 206 -24.94 -2.31 19.07
CA ALA A 206 -25.67 -2.82 20.25
C ALA A 206 -24.92 -2.58 21.56
N ASP A 207 -23.61 -2.85 21.55
CA ASP A 207 -22.82 -2.73 22.79
C ASP A 207 -21.38 -2.28 22.51
N PRO A 208 -21.17 -0.97 22.39
CA PRO A 208 -19.93 -0.41 21.92
C PRO A 208 -18.79 -0.58 22.91
N GLY A 209 -17.61 -0.97 22.42
CA GLY A 209 -16.37 -0.95 23.22
C GLY A 209 -15.48 0.23 22.86
N ASP A 210 -14.16 0.07 23.03
CA ASP A 210 -13.19 1.07 22.56
C ASP A 210 -12.41 0.62 21.31
N ASP A 211 -12.74 -0.58 20.78
CA ASP A 211 -12.17 -1.05 19.54
C ASP A 211 -12.54 -0.10 18.37
N LEU A 212 -11.85 -0.22 17.23
CA LEU A 212 -12.06 0.76 16.18
C LEU A 212 -13.43 0.76 15.50
N ILE A 213 -14.06 -0.41 15.40
CA ILE A 213 -15.42 -0.55 14.84
C ILE A 213 -16.46 0.21 15.73
N SER A 214 -16.28 0.16 17.04
CA SER A 214 -17.12 0.91 18.00
C SER A 214 -16.90 2.38 17.88
N ARG A 215 -15.65 2.71 17.67
CA ARG A 215 -15.31 4.11 17.47
C ARG A 215 -15.92 4.67 16.19
N LEU A 216 -15.87 3.85 15.14
CA LEU A 216 -16.40 4.22 13.83
C LEU A 216 -17.89 4.44 13.90
N VAL A 217 -18.59 3.49 14.54
CA VAL A 217 -20.03 3.58 14.71
C VAL A 217 -20.50 4.75 15.60
N LEU A 218 -19.71 5.14 16.59
CA LEU A 218 -20.13 6.23 17.49
C LEU A 218 -19.71 7.59 16.94
N ALA A 219 -18.79 7.59 15.99
CA ALA A 219 -18.21 8.78 15.43
C ALA A 219 -19.29 9.70 14.86
N GLU A 220 -19.16 10.98 15.11
CA GLU A 220 -20.02 11.99 14.52
C GLU A 220 -19.31 13.31 14.44
N VAL A 221 -19.20 13.82 13.22
CA VAL A 221 -18.64 15.16 13.04
C VAL A 221 -19.60 15.96 12.17
N ASP A 222 -19.99 17.13 12.70
CA ASP A 222 -21.00 18.02 12.10
C ASP A 222 -22.18 17.23 11.55
N GLY A 223 -22.75 16.41 12.42
CA GLY A 223 -24.00 15.69 12.16
C GLY A 223 -23.86 14.48 11.29
N ARG A 224 -22.66 14.31 10.75
CA ARG A 224 -22.39 13.27 9.78
C ARG A 224 -21.90 12.06 10.57
N ALA A 225 -22.66 10.97 10.43
CA ALA A 225 -22.35 9.72 11.05
C ALA A 225 -22.33 8.65 9.97
N LEU A 226 -21.60 7.57 10.21
CA LEU A 226 -21.55 6.44 9.29
C LEU A 226 -22.70 5.46 9.50
N ASP A 227 -23.48 5.09 8.46
CA ASP A 227 -24.42 3.97 8.62
C ASP A 227 -23.68 2.65 8.59
N ASP A 228 -24.38 1.53 8.84
CA ASP A 228 -23.66 0.29 8.89
C ASP A 228 -23.13 -0.04 7.51
N GLU A 229 -23.79 0.40 6.44
CA GLU A 229 -23.24 0.26 5.06
C GLU A 229 -21.81 0.85 5.00
N GLU A 230 -21.68 2.11 5.38
CA GLU A 230 -20.44 2.87 5.29
C GLU A 230 -19.38 2.37 6.27
N ALA A 231 -19.78 2.09 7.50
CA ALA A 231 -18.83 1.58 8.48
C ALA A 231 -18.28 0.21 8.05
N ALA A 232 -19.14 -0.66 7.53
CA ALA A 232 -18.70 -1.97 7.02
C ALA A 232 -17.78 -1.85 5.83
N ASN A 233 -18.19 -1.04 4.85
CA ASN A 233 -17.34 -0.76 3.71
C ASN A 233 -15.97 -0.24 4.08
N PHE A 234 -15.91 0.78 4.92
CA PHE A 234 -14.64 1.35 5.33
C PHE A 234 -13.82 0.39 6.19
N SER A 235 -14.44 -0.41 7.05
CA SER A 235 -13.68 -1.43 7.81
C SER A 235 -13.07 -2.49 6.91
N THR A 236 -13.75 -2.78 5.79
CA THR A 236 -13.32 -3.77 4.79
C THR A 236 -12.03 -3.29 4.14
N ALA A 237 -12.05 -2.05 3.66
CA ALA A 237 -10.85 -1.37 3.16
C ALA A 237 -9.69 -1.45 4.13
N LEU A 238 -9.91 -1.09 5.39
CA LEU A 238 -8.89 -1.20 6.46
C LEU A 238 -8.31 -2.62 6.61
N LEU A 239 -9.19 -3.63 6.57
CA LEU A 239 -8.81 -5.04 6.66
C LEU A 239 -7.96 -5.47 5.48
N LEU A 240 -8.40 -5.11 4.29
CA LEU A 240 -7.65 -5.26 3.04
C LEU A 240 -6.26 -4.58 3.15
N ALA A 241 -6.22 -3.32 3.57
CA ALA A 241 -4.94 -2.62 3.80
C ALA A 241 -4.03 -3.45 4.67
N GLY A 242 -4.56 -3.97 5.77
CA GLY A 242 -3.77 -4.84 6.65
C GLY A 242 -3.38 -6.20 6.13
N HIS A 243 -3.98 -6.65 5.02
CA HIS A 243 -3.64 -7.98 4.45
C HIS A 243 -2.59 -7.85 3.36
N ILE A 244 -2.31 -6.63 2.93
CA ILE A 244 -1.48 -6.42 1.73
C ILE A 244 -0.25 -5.49 1.91
N THR A 245 -0.44 -4.34 2.55
CA THR A 245 0.54 -3.24 2.57
C THR A 245 1.86 -3.53 3.29
N THR A 246 1.81 -3.83 4.58
CA THR A 246 2.99 -4.28 5.34
C THR A 246 3.54 -5.58 4.77
N THR A 247 2.66 -6.47 4.31
CA THR A 247 3.13 -7.70 3.67
C THR A 247 4.08 -7.42 2.46
N VAL A 248 3.75 -6.41 1.66
CA VAL A 248 4.58 -6.01 0.55
C VAL A 248 5.77 -5.14 1.02
N LEU A 249 5.54 -4.15 1.85
CA LEU A 249 6.64 -3.24 2.23
C LEU A 249 7.74 -3.99 2.93
N LEU A 250 7.41 -4.87 3.87
CA LEU A 250 8.45 -5.50 4.71
C LEU A 250 9.33 -6.44 3.90
N GLY A 251 8.72 -7.12 2.93
CA GLY A 251 9.45 -7.88 1.93
C GLY A 251 10.37 -6.96 1.15
N ASN A 252 9.88 -5.76 0.79
CA ASN A 252 10.73 -4.84 0.01
C ASN A 252 11.91 -4.35 0.82
N ILE A 253 11.65 -4.05 2.09
CA ILE A 253 12.69 -3.69 3.06
C ILE A 253 13.78 -4.72 3.18
N VAL A 254 13.41 -5.98 3.43
CA VAL A 254 14.43 -7.03 3.53
C VAL A 254 15.21 -7.22 2.24
N ARG A 255 14.50 -7.29 1.11
CA ARG A 255 15.15 -7.28 -0.19
C ARG A 255 16.17 -6.23 -0.40
N THR A 256 15.81 -4.97 -0.14
CA THR A 256 16.66 -3.86 -0.42
C THR A 256 17.85 -3.87 0.52
N LEU A 257 17.62 -4.09 1.80
CA LEU A 257 18.72 -4.17 2.77
C LEU A 257 19.71 -5.31 2.38
N ASP A 258 19.17 -6.41 1.84
CA ASP A 258 19.95 -7.53 1.32
C ASP A 258 20.84 -7.16 0.12
N GLU A 259 20.45 -6.12 -0.60
CA GLU A 259 21.25 -5.54 -1.68
C GLU A 259 22.28 -4.53 -1.20
N HIS A 260 22.02 -3.92 -0.05
CA HIS A 260 23.00 -3.00 0.54
C HIS A 260 23.23 -3.47 1.97
N PRO A 261 23.97 -4.59 2.17
CA PRO A 261 23.90 -5.19 3.50
C PRO A 261 24.62 -4.44 4.63
N ALA A 262 25.46 -3.47 4.28
CA ALA A 262 26.16 -2.67 5.30
C ALA A 262 25.19 -2.04 6.26
N HIS A 263 23.94 -1.86 5.82
CA HIS A 263 22.94 -1.13 6.63
C HIS A 263 22.37 -2.00 7.73
N TRP A 264 22.44 -3.31 7.55
CA TRP A 264 22.10 -4.18 8.68
C TRP A 264 22.93 -3.82 9.93
N ASP A 265 24.24 -3.69 9.75
CA ASP A 265 25.16 -3.47 10.88
C ASP A 265 25.01 -2.10 11.48
N ALA A 266 24.75 -1.13 10.61
CA ALA A 266 24.56 0.26 11.01
C ALA A 266 23.30 0.43 11.86
N ALA A 267 22.23 -0.29 11.51
CA ALA A 267 20.96 -0.19 12.25
C ALA A 267 20.99 -1.01 13.54
N ALA A 268 21.81 -2.05 13.57
CA ALA A 268 22.12 -2.82 14.78
C ALA A 268 22.78 -1.94 15.83
N GLU A 269 23.76 -1.15 15.40
CA GLU A 269 24.46 -0.16 16.25
C GLU A 269 23.62 1.03 16.67
N ASP A 270 22.77 1.48 15.76
CA ASP A 270 21.90 2.63 16.06
C ASP A 270 20.48 2.37 15.55
N PRO A 271 19.69 1.69 16.36
CA PRO A 271 18.31 1.44 15.91
C PRO A 271 17.51 2.71 15.54
N GLY A 272 17.98 3.89 15.93
CA GLY A 272 17.28 5.14 15.55
C GLY A 272 17.43 5.42 14.05
N ARG A 273 18.38 4.76 13.39
CA ARG A 273 18.43 4.85 11.90
C ARG A 273 17.25 4.11 11.23
N ILE A 274 16.56 3.24 11.95
CA ILE A 274 15.54 2.41 11.30
C ILE A 274 14.42 3.22 10.56
N PRO A 275 13.77 4.20 11.25
CA PRO A 275 12.75 4.98 10.52
C PRO A 275 13.18 5.48 9.16
N ALA A 276 14.43 5.95 9.05
CA ALA A 276 14.99 6.47 7.79
C ALA A 276 15.17 5.37 6.72
N ILE A 277 15.49 4.14 7.13
CA ILE A 277 15.55 2.95 6.21
C ILE A 277 14.20 2.71 5.60
N VAL A 278 13.15 2.78 6.44
CA VAL A 278 11.79 2.60 6.02
C VAL A 278 11.38 3.72 5.04
N GLU A 279 11.54 5.01 5.39
CA GLU A 279 11.27 6.04 4.41
C GLU A 279 11.96 5.78 3.07
N GLU A 280 13.20 5.34 3.11
CA GLU A 280 13.98 5.21 1.88
C GLU A 280 13.51 4.06 1.02
N VAL A 281 13.13 2.95 1.64
CA VAL A 281 12.67 1.79 0.83
C VAL A 281 11.31 2.16 0.22
N LEU A 282 10.49 2.89 0.98
CA LEU A 282 9.22 3.46 0.49
C LEU A 282 9.36 4.25 -0.79
N ARG A 283 10.39 5.10 -0.84
CA ARG A 283 10.69 5.82 -2.08
C ARG A 283 11.25 4.92 -3.18
N TYR A 284 12.17 4.07 -2.78
CA TYR A 284 12.93 3.26 -3.70
C TYR A 284 12.06 2.17 -4.31
N ARG A 285 11.28 1.48 -3.47
CA ARG A 285 10.32 0.45 -3.94
C ARG A 285 8.91 0.63 -3.35
N PRO A 286 8.09 1.52 -3.92
CA PRO A 286 6.78 1.78 -3.40
C PRO A 286 5.87 0.57 -3.61
N PRO A 287 5.26 0.08 -2.54
CA PRO A 287 4.34 -1.05 -2.62
C PRO A 287 3.32 -0.84 -3.71
N PHE A 288 2.81 0.38 -3.80
CA PHE A 288 1.90 0.79 -4.86
C PHE A 288 2.52 1.75 -5.86
N PRO A 289 2.97 1.21 -7.02
CA PRO A 289 3.70 2.06 -7.99
C PRO A 289 2.82 2.99 -8.81
N GLN A 290 1.52 2.72 -8.90
CA GLN A 290 0.61 3.51 -9.72
C GLN A 290 -0.66 3.74 -8.95
N MET A 291 -1.18 4.96 -9.06
CA MET A 291 -2.52 5.36 -8.59
C MET A 291 -3.34 5.76 -9.78
N GLN A 292 -4.67 5.78 -9.65
CA GLN A 292 -5.56 5.95 -10.80
C GLN A 292 -6.55 7.08 -10.56
N ARG A 293 -6.80 7.85 -11.62
CA ARG A 293 -7.79 8.95 -11.59
C ARG A 293 -8.59 8.93 -12.89
N THR A 294 -9.70 9.67 -12.93
CA THR A 294 -10.54 9.80 -14.12
C THR A 294 -10.74 11.29 -14.40
N THR A 295 -10.51 11.74 -15.65
CA THR A 295 -10.67 13.18 -15.98
C THR A 295 -12.16 13.53 -15.97
N THR A 296 -12.53 14.67 -15.40
CA THR A 296 -13.92 15.06 -15.31
C THR A 296 -14.19 16.07 -16.45
N LYS A 297 -13.11 16.39 -17.16
CA LYS A 297 -13.14 17.41 -18.19
C LYS A 297 -11.87 17.35 -19.01
N ALA A 298 -11.93 17.85 -20.24
CA ALA A 298 -10.74 18.02 -21.10
C ALA A 298 -9.66 18.81 -20.36
N THR A 299 -8.45 18.26 -20.29
CA THR A 299 -7.40 18.95 -19.55
C THR A 299 -6.05 18.77 -20.27
N GLU A 300 -5.01 19.33 -19.73
CA GLU A 300 -3.73 19.02 -20.28
C GLU A 300 -2.69 18.79 -19.17
N VAL A 301 -1.75 17.89 -19.43
CA VAL A 301 -0.62 17.71 -18.54
C VAL A 301 0.67 17.82 -19.36
N ALA A 302 1.57 18.67 -18.92
CA ALA A 302 2.88 18.79 -19.58
C ALA A 302 2.70 19.29 -21.00
N GLY A 303 1.63 20.04 -21.26
CA GLY A 303 1.29 20.50 -22.60
C GLY A 303 0.65 19.45 -23.47
N VAL A 304 0.33 18.26 -22.89
CA VAL A 304 -0.25 17.14 -23.63
C VAL A 304 -1.73 17.13 -23.34
N PRO A 305 -2.58 17.24 -24.38
CA PRO A 305 -4.02 17.35 -24.19
C PRO A 305 -4.61 15.99 -23.82
N ILE A 306 -5.48 15.98 -22.82
CA ILE A 306 -6.11 14.73 -22.37
C ILE A 306 -7.59 15.00 -22.37
N PRO A 307 -8.37 14.10 -22.99
CA PRO A 307 -9.82 14.25 -23.08
C PRO A 307 -10.58 14.03 -21.77
N ALA A 308 -11.87 14.39 -21.76
CA ALA A 308 -12.69 14.17 -20.60
C ALA A 308 -13.00 12.69 -20.51
N ASP A 309 -13.25 12.23 -19.29
CA ASP A 309 -13.88 10.92 -19.04
C ASP A 309 -13.02 9.73 -19.34
N VAL A 310 -11.69 9.90 -19.30
CA VAL A 310 -10.73 8.82 -19.53
C VAL A 310 -9.91 8.53 -18.23
N MET A 311 -9.31 7.34 -18.15
CA MET A 311 -8.56 7.01 -16.96
C MET A 311 -7.12 7.48 -17.08
N VAL A 312 -6.59 7.89 -15.95
CA VAL A 312 -5.19 8.42 -15.86
C VAL A 312 -4.40 7.68 -14.74
N ASN A 313 -3.28 7.06 -15.10
CA ASN A 313 -2.45 6.38 -14.12
C ASN A 313 -1.29 7.22 -13.77
N THR A 314 -1.11 7.46 -12.47
CA THR A 314 0.06 8.25 -12.05
C THR A 314 1.11 7.34 -11.47
N TRP A 315 2.26 7.30 -12.14
CA TRP A 315 3.36 6.45 -11.76
C TRP A 315 4.16 7.04 -10.63
N VAL A 316 3.74 6.73 -9.41
CA VAL A 316 4.54 7.03 -8.24
C VAL A 316 5.92 6.42 -8.31
N LEU A 317 6.03 5.21 -8.82
CA LEU A 317 7.34 4.62 -8.96
C LEU A 317 8.28 5.48 -9.82
N SER A 318 7.77 5.97 -10.95
CA SER A 318 8.51 6.90 -11.81
C SER A 318 8.89 8.18 -11.11
N ALA A 319 7.93 8.85 -10.49
CA ALA A 319 8.18 10.08 -9.78
C ALA A 319 9.28 9.94 -8.76
N ASN A 320 9.34 8.78 -8.13
CA ASN A 320 10.30 8.51 -7.06
C ASN A 320 11.71 8.31 -7.59
N ARG A 321 11.79 7.81 -8.82
CA ARG A 321 13.08 7.66 -9.50
C ARG A 321 13.46 8.86 -10.43
N ASP A 322 12.70 9.96 -10.34
CA ASP A 322 12.84 11.08 -11.28
C ASP A 322 13.95 11.95 -10.69
N SER A 323 15.05 12.11 -11.42
CA SER A 323 16.18 12.92 -10.90
C SER A 323 15.85 14.41 -10.64
N ASP A 324 14.78 14.92 -11.23
CA ASP A 324 14.37 16.30 -10.94
C ASP A 324 13.74 16.43 -9.55
N ALA A 325 13.31 15.30 -8.98
CA ALA A 325 12.69 15.30 -7.66
C ALA A 325 13.70 14.95 -6.58
N HIS A 326 14.66 14.09 -6.95
CA HIS A 326 15.70 13.65 -6.01
C HIS A 326 17.05 13.57 -6.67
N ASP A 327 18.10 13.80 -5.91
CA ASP A 327 19.43 13.65 -6.48
C ASP A 327 19.83 12.19 -6.44
N ASP A 328 20.49 11.76 -7.49
CA ASP A 328 20.97 10.39 -7.62
C ASP A 328 19.88 9.38 -7.21
N PRO A 329 18.72 9.38 -7.92
CA PRO A 329 17.47 8.76 -7.46
C PRO A 329 17.48 7.22 -7.40
N ASP A 330 18.33 6.59 -8.20
CA ASP A 330 18.49 5.14 -8.16
C ASP A 330 19.47 4.69 -7.07
N ARG A 331 20.07 5.64 -6.36
CA ARG A 331 20.94 5.27 -5.26
C ARG A 331 20.09 5.06 -4.01
N PHE A 332 20.13 3.86 -3.45
CA PHE A 332 19.52 3.61 -2.15
C PHE A 332 20.32 4.29 -1.05
N ASP A 333 19.74 5.28 -0.41
CA ASP A 333 20.44 6.13 0.56
C ASP A 333 19.55 6.66 1.69
N PRO A 334 19.48 5.92 2.80
CA PRO A 334 18.70 6.36 3.94
C PRO A 334 19.15 7.70 4.58
N SER A 335 20.43 8.06 4.44
CA SER A 335 20.94 9.32 5.03
C SER A 335 20.57 10.55 4.20
N ARG A 336 19.84 10.35 3.10
CA ARG A 336 19.44 11.48 2.28
C ARG A 336 18.42 12.36 3.00
N LYS A 337 18.93 13.42 3.62
CA LYS A 337 18.08 14.46 4.15
C LYS A 337 17.19 14.99 3.02
N SER A 338 15.98 15.45 3.37
CA SER A 338 15.06 16.01 2.37
C SER A 338 14.52 17.36 2.83
N GLY A 339 14.66 18.38 1.99
CA GLY A 339 14.06 19.67 2.25
C GLY A 339 12.55 19.54 2.13
N GLY A 340 11.90 19.12 3.23
CA GLY A 340 10.46 18.85 3.23
C GLY A 340 10.19 17.42 2.83
N ALA A 341 10.68 16.51 3.68
CA ALA A 341 10.39 15.08 3.54
C ALA A 341 8.86 14.87 3.52
N ALA A 342 8.31 14.82 2.31
CA ALA A 342 6.91 14.40 2.10
C ALA A 342 6.88 13.11 1.24
N GLN A 343 6.20 12.09 1.74
CA GLN A 343 6.32 10.72 1.21
C GLN A 343 5.33 10.43 0.12
N LEU A 344 5.72 10.66 -1.14
CA LEU A 344 4.81 10.41 -2.27
C LEU A 344 4.27 8.97 -2.36
N SER A 345 4.96 8.01 -1.78
CA SER A 345 4.47 6.64 -1.85
C SER A 345 3.23 6.43 -1.04
N PHE A 346 2.88 7.41 -0.21
CA PHE A 346 1.64 7.35 0.52
C PHE A 346 0.61 8.25 -0.14
N GLY A 347 0.93 8.77 -1.33
CA GLY A 347 -0.02 9.54 -2.15
C GLY A 347 0.28 11.05 -1.97
N HIS A 348 -0.67 11.92 -2.33
CA HIS A 348 -0.38 13.38 -2.36
C HIS A 348 -1.72 14.03 -2.47
N GLY A 349 -1.99 14.95 -1.56
CA GLY A 349 -3.26 15.65 -1.54
C GLY A 349 -4.19 15.17 -0.44
N VAL A 350 -5.49 15.36 -0.65
CA VAL A 350 -6.49 15.02 0.34
C VAL A 350 -6.71 13.52 0.54
N HIS A 351 -6.26 12.70 -0.40
CA HIS A 351 -6.39 11.27 -0.21
C HIS A 351 -5.14 10.66 0.44
N PHE A 352 -4.21 11.50 0.90
CA PHE A 352 -2.97 11.03 1.53
C PHE A 352 -3.24 9.92 2.56
N CYS A 353 -2.44 8.87 2.49
CA CYS A 353 -2.63 7.67 3.29
C CYS A 353 -3.00 7.90 4.74
N LEU A 354 -4.20 7.43 5.10
CA LEU A 354 -4.70 7.57 6.47
C LEU A 354 -4.00 6.62 7.44
N GLY A 355 -3.51 5.51 6.90
CA GLY A 355 -2.89 4.48 7.71
C GLY A 355 -1.37 4.62 7.77
N ALA A 356 -0.83 5.67 7.18
CA ALA A 356 0.65 5.92 7.15
C ALA A 356 1.37 5.72 8.50
N PRO A 357 0.79 6.25 9.61
CA PRO A 357 1.45 6.04 10.90
C PRO A 357 1.48 4.60 11.33
N LEU A 358 0.40 3.88 11.08
CA LEU A 358 0.33 2.48 11.39
C LEU A 358 1.35 1.72 10.58
N ALA A 359 1.45 1.97 9.28
CA ALA A 359 2.44 1.21 8.45
C ALA A 359 3.88 1.46 8.93
N ARG A 360 4.17 2.71 9.24
CA ARG A 360 5.50 3.14 9.68
C ARG A 360 5.87 2.47 11.00
N LEU A 361 4.88 2.40 11.89
CA LEU A 361 5.01 1.71 13.16
C LEU A 361 5.26 0.22 13.03
N GLU A 362 4.51 -0.46 12.16
CA GLU A 362 4.58 -1.91 12.06
C GLU A 362 5.90 -2.33 11.43
N ASN A 363 6.31 -1.57 10.41
CA ASN A 363 7.56 -1.86 9.71
C ASN A 363 8.79 -1.49 10.49
N ARG A 364 8.67 -0.48 11.34
CA ARG A 364 9.77 -0.12 12.26
C ARG A 364 9.90 -1.23 13.29
N VAL A 365 8.79 -1.62 13.89
CA VAL A 365 8.89 -2.58 14.96
C VAL A 365 9.39 -3.90 14.33
N ALA A 366 8.81 -4.28 13.19
CA ALA A 366 9.23 -5.50 12.50
C ALA A 366 10.72 -5.54 12.28
N LEU A 367 11.26 -4.50 11.68
CA LEU A 367 12.68 -4.51 11.32
C LEU A 367 13.55 -4.50 12.55
N GLU A 368 13.21 -3.67 13.55
CA GLU A 368 13.84 -3.73 14.90
C GLU A 368 13.99 -5.16 15.45
N GLU A 369 12.91 -5.92 15.39
CA GLU A 369 12.86 -7.30 15.90
C GLU A 369 13.58 -8.36 15.06
N ILE A 370 13.65 -8.12 13.77
CA ILE A 370 14.46 -8.92 12.90
C ILE A 370 15.94 -8.72 13.28
N ILE A 371 16.35 -7.48 13.37
CA ILE A 371 17.75 -7.20 13.72
C ILE A 371 18.14 -7.74 15.11
N ALA A 372 17.25 -7.60 16.09
CA ALA A 372 17.53 -8.01 17.48
C ALA A 372 17.73 -9.53 17.58
N ARG A 373 16.95 -10.30 16.84
CA ARG A 373 17.08 -11.74 16.89
C ARG A 373 18.16 -12.23 15.93
N PHE A 374 18.10 -11.80 14.67
CA PHE A 374 18.94 -12.36 13.62
C PHE A 374 20.21 -11.53 13.28
N GLY A 375 20.26 -10.25 13.66
CA GLY A 375 21.22 -9.33 13.07
C GLY A 375 20.95 -9.01 11.60
N ARG A 376 20.53 -9.98 10.81
CA ARG A 376 20.36 -9.73 9.41
C ARG A 376 19.68 -10.92 8.79
N LEU A 377 19.00 -10.70 7.67
CA LEU A 377 18.54 -11.80 6.85
C LEU A 377 19.00 -11.56 5.43
N THR A 378 19.13 -12.65 4.69
CA THR A 378 19.44 -12.62 3.27
C THR A 378 18.34 -13.38 2.48
N VAL A 379 18.03 -12.97 1.27
CA VAL A 379 17.02 -13.71 0.50
C VAL A 379 17.68 -14.95 -0.04
N ASP A 380 16.95 -16.06 0.01
CA ASP A 380 17.45 -17.37 -0.36
C ASP A 380 16.96 -17.78 -1.74
N ARG A 381 17.83 -17.72 -2.74
CA ARG A 381 17.45 -18.19 -4.07
C ARG A 381 18.05 -19.57 -4.39
N ASP A 382 17.86 -20.52 -3.47
CA ASP A 382 18.46 -21.87 -3.58
C ASP A 382 17.48 -22.97 -4.07
N ASP A 383 16.35 -22.53 -4.61
CA ASP A 383 15.38 -23.43 -5.23
C ASP A 383 14.77 -22.73 -6.45
N GLU A 384 14.43 -21.46 -6.28
CA GLU A 384 13.89 -20.68 -7.38
C GLU A 384 14.08 -19.19 -7.21
N ARG A 385 13.92 -18.45 -8.29
CA ARG A 385 13.85 -17.00 -8.25
C ARG A 385 12.52 -16.59 -7.63
N LEU A 386 12.47 -15.36 -7.16
CA LEU A 386 11.30 -14.86 -6.44
C LEU A 386 10.07 -14.80 -7.35
N ARG A 387 8.90 -14.87 -6.72
CA ARG A 387 7.66 -14.77 -7.44
C ARG A 387 7.13 -13.37 -7.25
N HIS A 388 7.50 -12.48 -8.16
CA HIS A 388 7.04 -11.12 -8.09
C HIS A 388 5.55 -11.02 -8.39
N PHE A 389 4.94 -10.01 -7.82
CA PHE A 389 3.61 -9.67 -8.26
C PHE A 389 3.70 -9.20 -9.71
N GLU A 390 2.76 -9.70 -10.52
CA GLU A 390 2.75 -9.44 -11.93
C GLU A 390 2.07 -8.12 -12.26
N GLN A 391 1.23 -7.60 -11.35
CA GLN A 391 0.45 -6.42 -11.67
C GLN A 391 0.31 -5.29 -10.64
N ILE A 392 -0.42 -5.46 -9.55
CA ILE A 392 -0.93 -4.21 -8.88
C ILE A 392 0.09 -3.56 -7.94
N VAL A 393 0.79 -4.42 -7.23
CA VAL A 393 1.74 -4.00 -6.25
C VAL A 393 3.12 -4.35 -6.80
N LEU A 394 4.11 -3.61 -6.29
CA LEU A 394 5.52 -3.87 -6.49
C LEU A 394 6.16 -4.63 -5.30
N GLY A 395 6.35 -5.93 -5.48
CA GLY A 395 7.00 -6.77 -4.47
C GLY A 395 6.88 -8.24 -4.85
N THR A 396 7.07 -9.12 -3.88
CA THR A 396 7.12 -10.55 -4.10
C THR A 396 6.05 -11.28 -3.29
N ARG A 397 5.51 -12.36 -3.82
CA ARG A 397 4.52 -13.11 -3.08
C ARG A 397 5.14 -13.88 -1.93
N HIS A 398 6.33 -14.38 -2.11
CA HIS A 398 7.05 -15.02 -1.00
C HIS A 398 8.47 -14.51 -0.96
N LEU A 399 9.11 -14.61 0.21
CA LEU A 399 10.50 -14.24 0.34
C LEU A 399 11.14 -15.22 1.32
N PRO A 400 11.60 -16.40 0.79
CA PRO A 400 12.37 -17.32 1.61
C PRO A 400 13.63 -16.60 1.98
N VAL A 401 14.01 -16.72 3.25
CA VAL A 401 15.15 -16.03 3.79
C VAL A 401 16.00 -17.00 4.58
N LEU A 402 17.21 -16.55 4.92
CA LEU A 402 18.14 -17.34 5.72
C LEU A 402 18.75 -16.39 6.71
N ALA A 403 18.67 -16.76 7.97
CA ALA A 403 19.43 -16.11 9.04
C ALA A 403 20.75 -16.85 9.10
N GLY A 404 21.86 -16.12 9.10
CA GLY A 404 23.18 -16.73 9.30
C GLY A 404 23.40 -16.96 10.79
N SER A 405 22.96 -15.99 11.59
CA SER A 405 22.99 -16.07 13.03
C SER A 405 21.60 -16.10 13.67
N SER A 406 21.52 -16.66 14.88
CA SER A 406 20.27 -16.71 15.65
C SER A 406 20.52 -17.30 17.03
N PRO A 407 19.65 -16.99 18.00
CA PRO A 407 19.82 -17.53 19.36
C PRO A 407 19.73 -19.07 19.48
N ARG A 408 19.43 -19.77 18.39
CA ARG A 408 19.38 -21.24 18.36
C ARG A 408 20.78 -21.90 18.27
N GLN A 409 21.75 -21.18 17.72
CA GLN A 409 23.06 -21.75 17.51
C GLN A 409 23.71 -22.04 18.86
N SER A 410 24.29 -23.23 18.97
CA SER A 410 24.90 -23.73 20.21
C SER A 410 26.37 -24.12 20.01
N ALA A 411 27.12 -24.33 21.10
CA ALA A 411 28.50 -24.86 20.98
C ALA A 411 28.52 -26.36 20.72
#